data_6PS4
#
_entry.id   6PS4
#
_cell.length_a   41.500
_cell.length_b   76.200
_cell.length_c   171.620
_cell.angle_alpha   90.000
_cell.angle_beta   90.000
_cell.angle_gamma   90.000
#
_symmetry.space_group_name_H-M   'P 21 21 21'
#
loop_
_entity.id
_entity.type
_entity.pdbx_description
1 polymer 'Fusion protein of Beta-2 adrenergic receptor and T4 Lysozyme'
2 non-polymer (2S,3S)-1-[(7-methyl-2,3-dihydro-1H-inden-4-yl)oxy]-3-[(1-methylethyl)amino]butan-2-ol
3 non-polymer 'SULFATE ION'
4 non-polymer CHOLESTEROL
5 non-polymer 'OLEIC ACID'
6 non-polymer '(2R)-2,3-dihydroxypropyl (9Z)-octadec-9-enoate'
7 water water
#
_entity_poly.entity_id   1
_entity_poly.type   'polypeptide(L)'
_entity_poly.pdbx_seq_one_letter_code
;MKTIIALSYIFCLVFADYKDDDDAMGQPGNGSAFLLAPNRSHAPDHDVTQQRDEVWVVGMGIVMSLIVLAIVFGNVLVIT
AIAKFERLQTVTNYFITSLACADLVMGLAVVPFGAAHILMKMWTFGNFWCEFWTSIDVLCVTASIWTLCVIAVDRYFAIT
SPFKYQSLLTKNKARVIILMVWIVSGLTSFLPIQMHWYRATHQEAINCYAEETCCDFFTNQAYAIASSIVSFYVPLVIMV
FVYSRVFQEAKRQLNIFEMLRIDEGLRLKIYKDTEGYYTIGIGHLLTKSPSLNAAKSELDKAIGRNTNGVITKDEAEKLF
NQDVDAAVRGILRNAKLKPVYDSLDAVRRAALINMVFQMGETGVAGFTNSLRMLQQKRWDEAAVNLAKSRWYNQTPNRAK
RVITTFRTGTWDAYKFCLKEHKALKTLGIIMGTFTLCWLPFFIVNIVHVIQDNLIRKEVYILLNWIGYVNSGFNPLIYCR
SPDFRIAFQELLCLRRSSLKHHHHHH
;
_entity_poly.pdbx_strand_id   A
#
# COMPACT_ATOMS: atom_id res chain seq x y z
N ASP A 53 23.47 -24.55 24.51
CA ASP A 53 24.56 -25.45 24.12
C ASP A 53 25.10 -25.09 22.72
N GLU A 54 26.30 -25.64 22.39
CA GLU A 54 27.03 -25.44 21.12
C GLU A 54 26.11 -25.42 19.89
N VAL A 55 25.29 -26.48 19.70
CA VAL A 55 24.35 -26.65 18.58
C VAL A 55 23.34 -25.47 18.50
N TRP A 56 22.85 -24.99 19.65
CA TRP A 56 21.90 -23.87 19.71
C TRP A 56 22.59 -22.56 19.31
N VAL A 57 23.84 -22.33 19.77
CA VAL A 57 24.61 -21.12 19.48
C VAL A 57 24.96 -21.04 17.99
N VAL A 58 25.46 -22.14 17.40
CA VAL A 58 25.82 -22.20 15.98
C VAL A 58 24.54 -21.98 15.13
N GLY A 59 23.46 -22.69 15.48
CA GLY A 59 22.15 -22.59 14.84
C GLY A 59 21.54 -21.20 14.93
N MET A 60 21.77 -20.50 16.06
CA MET A 60 21.33 -19.14 16.32
C MET A 60 22.18 -18.17 15.50
N GLY A 61 23.46 -18.51 15.36
CA GLY A 61 24.44 -17.74 14.60
C GLY A 61 24.10 -17.68 13.13
N ILE A 62 23.70 -18.83 12.55
CA ILE A 62 23.34 -18.98 11.14
C ILE A 62 22.08 -18.15 10.83
N VAL A 63 21.04 -18.30 11.68
CA VAL A 63 19.73 -17.63 11.56
C VAL A 63 19.92 -16.10 11.61
N MET A 64 20.75 -15.60 12.55
CA MET A 64 20.99 -14.18 12.71
C MET A 64 21.78 -13.60 11.56
N SER A 65 22.72 -14.38 10.99
CA SER A 65 23.52 -13.95 9.85
C SER A 65 22.62 -13.77 8.63
N LEU A 66 21.63 -14.68 8.45
CA LEU A 66 20.67 -14.64 7.36
C LEU A 66 19.74 -13.45 7.52
N ILE A 67 19.38 -13.10 8.75
CA ILE A 67 18.53 -11.95 9.02
C ILE A 67 19.30 -10.66 8.64
N VAL A 68 20.56 -10.51 9.11
CA VAL A 68 21.43 -9.38 8.75
C VAL A 68 21.58 -9.32 7.21
N LEU A 69 21.89 -10.45 6.55
CA LEU A 69 22.06 -10.51 5.10
C LEU A 69 20.77 -10.16 4.34
N ALA A 70 19.61 -10.73 4.75
CA ALA A 70 18.30 -10.47 4.13
C ALA A 70 17.91 -9.00 4.24
N ILE A 71 18.15 -8.37 5.41
CA ILE A 71 17.83 -6.96 5.60
C ILE A 71 18.68 -6.07 4.68
N VAL A 72 20.02 -6.28 4.66
CA VAL A 72 21.00 -5.47 3.92
C VAL A 72 20.75 -5.59 2.40
N PHE A 73 20.74 -6.84 1.85
CA PHE A 73 20.54 -7.12 0.42
C PHE A 73 19.26 -6.48 -0.04
N GLY A 74 18.17 -6.83 0.65
CA GLY A 74 16.84 -6.36 0.37
C GLY A 74 16.72 -4.85 0.34
N ASN A 75 17.31 -4.17 1.33
CA ASN A 75 17.17 -2.72 1.42
C ASN A 75 18.11 -1.95 0.45
N VAL A 76 19.36 -2.46 0.22
CA VAL A 76 20.28 -1.88 -0.78
C VAL A 76 19.55 -1.89 -2.16
N LEU A 77 18.91 -3.03 -2.49
CA LEU A 77 18.14 -3.25 -3.71
C LEU A 77 17.06 -2.18 -3.90
N VAL A 78 16.26 -1.91 -2.84
CA VAL A 78 15.19 -0.90 -2.86
C VAL A 78 15.79 0.47 -3.19
N ILE A 79 16.79 0.89 -2.40
CA ILE A 79 17.46 2.19 -2.53
C ILE A 79 18.00 2.33 -3.96
N THR A 80 18.70 1.28 -4.47
CA THR A 80 19.29 1.26 -5.81
C THR A 80 18.20 1.44 -6.89
N ALA A 81 17.14 0.61 -6.80
CA ALA A 81 15.99 0.61 -7.69
C ALA A 81 15.38 1.99 -7.83
N ILE A 82 15.11 2.68 -6.70
CA ILE A 82 14.55 4.03 -6.70
C ILE A 82 15.57 4.99 -7.35
N ALA A 83 16.85 4.94 -6.91
CA ALA A 83 17.94 5.78 -7.40
C ALA A 83 18.23 5.63 -8.89
N LYS A 84 17.98 4.46 -9.51
CA LYS A 84 18.34 4.23 -10.90
C LYS A 84 17.17 4.33 -11.91
N PHE A 85 15.92 4.02 -11.53
CA PHE A 85 14.80 4.06 -12.49
C PHE A 85 13.89 5.28 -12.23
N GLU A 86 13.92 6.26 -13.18
CA GLU A 86 13.16 7.53 -13.13
C GLU A 86 11.69 7.31 -12.83
N ARG A 87 11.07 6.27 -13.43
CA ARG A 87 9.66 5.96 -13.18
C ARG A 87 9.37 5.74 -11.68
N LEU A 88 10.40 5.38 -10.90
CA LEU A 88 10.22 5.13 -9.48
C LEU A 88 10.52 6.36 -8.64
N GLN A 89 11.16 7.40 -9.21
CA GLN A 89 11.47 8.64 -8.49
C GLN A 89 10.18 9.45 -8.26
N THR A 90 9.36 9.01 -7.29
CA THR A 90 8.09 9.63 -6.91
C THR A 90 8.20 10.03 -5.46
N VAL A 91 7.32 10.93 -5.01
CA VAL A 91 7.31 11.43 -3.63
C VAL A 91 7.13 10.26 -2.63
N THR A 92 6.23 9.31 -2.94
CA THR A 92 5.92 8.15 -2.10
C THR A 92 7.16 7.28 -1.93
N ASN A 93 7.89 7.06 -3.03
CA ASN A 93 9.08 6.23 -3.06
C ASN A 93 10.27 6.92 -2.41
N TYR A 94 10.21 8.27 -2.27
CA TYR A 94 11.22 9.04 -1.54
C TYR A 94 11.05 8.74 -0.06
N PHE A 95 9.77 8.59 0.41
CA PHE A 95 9.49 8.20 1.79
C PHE A 95 9.89 6.75 2.01
N ILE A 96 9.63 5.86 0.99
CA ILE A 96 10.03 4.45 1.05
C ILE A 96 11.58 4.39 1.17
N THR A 97 12.31 5.28 0.47
CA THR A 97 13.77 5.41 0.57
C THR A 97 14.14 5.75 2.03
N SER A 98 13.45 6.71 2.65
CA SER A 98 13.67 7.07 4.05
C SER A 98 13.50 5.82 4.97
N LEU A 99 12.47 5.01 4.70
CA LEU A 99 12.14 3.78 5.42
C LEU A 99 13.17 2.67 5.12
N ALA A 100 13.63 2.55 3.86
CA ALA A 100 14.64 1.54 3.51
C ALA A 100 16.01 1.90 4.10
N CYS A 101 16.29 3.21 4.26
CA CYS A 101 17.52 3.71 4.86
C CYS A 101 17.58 3.34 6.33
N ALA A 102 16.46 3.56 7.06
CA ALA A 102 16.33 3.19 8.47
C ALA A 102 16.54 1.71 8.59
N ASP A 103 15.94 0.91 7.71
CA ASP A 103 16.08 -0.54 7.70
C ASP A 103 17.53 -0.99 7.37
N LEU A 104 18.21 -0.29 6.45
CA LEU A 104 19.61 -0.54 6.10
C LEU A 104 20.53 -0.21 7.29
N VAL A 105 20.33 0.95 7.93
CA VAL A 105 21.09 1.40 9.10
C VAL A 105 20.82 0.40 10.25
N MET A 106 19.57 -0.08 10.37
CA MET A 106 19.18 -1.09 11.35
C MET A 106 19.99 -2.37 11.08
N GLY A 107 19.90 -2.89 9.84
CA GLY A 107 20.60 -4.09 9.38
C GLY A 107 22.12 -4.09 9.40
N LEU A 108 22.75 -2.91 9.18
CA LEU A 108 24.21 -2.77 9.15
C LEU A 108 24.82 -2.36 10.48
N ALA A 109 24.20 -1.38 11.19
CA ALA A 109 24.77 -0.81 12.41
C ALA A 109 24.09 -1.27 13.71
N VAL A 110 22.92 -1.94 13.63
CA VAL A 110 22.23 -2.33 14.88
C VAL A 110 22.26 -3.84 15.10
N VAL A 111 21.49 -4.58 14.28
CA VAL A 111 21.29 -6.01 14.38
C VAL A 111 22.61 -6.81 14.52
N PRO A 112 23.72 -6.59 13.75
CA PRO A 112 24.94 -7.41 13.97
C PRO A 112 25.51 -7.29 15.39
N PHE A 113 25.45 -6.08 16.00
CA PHE A 113 25.94 -5.85 17.35
C PHE A 113 25.02 -6.48 18.40
N GLY A 114 23.73 -6.47 18.14
CA GLY A 114 22.77 -7.12 19.02
C GLY A 114 22.97 -8.64 19.01
N ALA A 115 23.18 -9.21 17.81
CA ALA A 115 23.41 -10.62 17.61
C ALA A 115 24.64 -11.08 18.40
N ALA A 116 25.73 -10.29 18.28
CA ALA A 116 27.00 -10.52 18.97
C ALA A 116 26.83 -10.41 20.50
N HIS A 117 25.89 -9.55 20.94
CA HIS A 117 25.55 -9.34 22.36
C HIS A 117 24.85 -10.58 22.92
N ILE A 118 23.99 -11.20 22.10
CA ILE A 118 23.24 -12.40 22.50
C ILE A 118 24.18 -13.58 22.55
N LEU A 119 24.85 -13.88 21.40
CA LEU A 119 25.78 -15.00 21.24
C LEU A 119 26.91 -14.99 22.27
N MET A 120 27.55 -13.81 22.50
CA MET A 120 28.67 -13.72 23.45
C MET A 120 28.23 -13.59 24.90
N LYS A 121 26.92 -13.35 25.15
CA LYS A 121 26.30 -13.16 26.48
C LYS A 121 26.90 -11.94 27.22
N MET A 122 27.53 -11.00 26.49
CA MET A 122 28.17 -9.79 27.02
C MET A 122 28.35 -8.71 25.93
N TRP A 123 28.84 -7.51 26.33
CA TRP A 123 29.13 -6.41 25.42
C TRP A 123 30.65 -6.14 25.34
N THR A 124 31.28 -6.54 24.24
CA THR A 124 32.72 -6.41 24.05
C THR A 124 33.11 -5.15 23.26
N PHE A 125 32.13 -4.23 23.00
CA PHE A 125 32.35 -3.04 22.18
C PHE A 125 32.53 -1.71 22.98
N GLY A 126 32.59 -1.78 24.31
CA GLY A 126 32.80 -0.59 25.15
C GLY A 126 31.58 0.26 25.43
N ASN A 127 31.68 1.11 26.47
CA ASN A 127 30.56 1.97 26.92
C ASN A 127 30.12 3.00 25.87
N PHE A 128 31.06 3.61 25.12
CA PHE A 128 30.71 4.63 24.13
C PHE A 128 29.85 4.04 23.00
N TRP A 129 30.30 2.92 22.40
CA TRP A 129 29.56 2.28 21.32
C TRP A 129 28.22 1.76 21.84
N CYS A 130 28.15 1.36 23.10
CA CYS A 130 26.92 0.87 23.73
C CYS A 130 25.81 1.95 23.70
N GLU A 131 26.13 3.18 24.17
CA GLU A 131 25.16 4.29 24.24
C GLU A 131 24.81 4.74 22.81
N PHE A 132 25.84 4.79 21.93
CA PHE A 132 25.70 5.22 20.53
C PHE A 132 24.81 4.24 19.73
N TRP A 133 25.05 2.92 19.91
CA TRP A 133 24.33 1.82 19.27
C TRP A 133 22.85 1.90 19.64
N THR A 134 22.57 1.94 20.94
CA THR A 134 21.23 2.10 21.49
C THR A 134 20.52 3.34 20.89
N SER A 135 21.25 4.48 20.73
CA SER A 135 20.68 5.69 20.15
C SER A 135 20.26 5.45 18.69
N ILE A 136 21.15 4.80 17.89
CA ILE A 136 20.90 4.47 16.47
C ILE A 136 19.69 3.55 16.35
N ASP A 137 19.60 2.53 17.25
CA ASP A 137 18.48 1.58 17.32
C ASP A 137 17.13 2.33 17.45
N VAL A 138 17.07 3.27 18.42
CA VAL A 138 15.91 4.10 18.70
C VAL A 138 15.62 5.00 17.49
N LEU A 139 16.67 5.62 16.91
CA LEU A 139 16.50 6.47 15.75
C LEU A 139 15.84 5.72 14.62
N CYS A 140 16.29 4.49 14.34
CA CYS A 140 15.77 3.67 13.24
C CYS A 140 14.31 3.34 13.46
N VAL A 141 13.88 3.11 14.71
CA VAL A 141 12.48 2.81 14.97
C VAL A 141 11.66 4.10 14.89
N THR A 142 12.10 5.18 15.60
CA THR A 142 11.39 6.48 15.60
C THR A 142 11.22 7.00 14.15
N ALA A 143 12.33 7.07 13.39
CA ALA A 143 12.33 7.56 12.01
C ALA A 143 11.36 6.76 11.14
N SER A 144 11.40 5.42 11.25
CA SER A 144 10.53 4.51 10.51
C SER A 144 9.03 4.82 10.74
N ILE A 145 8.57 4.79 12.02
CA ILE A 145 7.16 5.00 12.37
C ILE A 145 6.69 6.44 12.02
N TRP A 146 7.60 7.43 12.02
CA TRP A 146 7.19 8.78 11.66
C TRP A 146 7.08 8.90 10.14
N THR A 147 7.90 8.15 9.40
CA THR A 147 7.93 8.13 7.93
C THR A 147 6.63 7.50 7.42
N LEU A 148 6.15 6.48 8.13
CA LEU A 148 4.91 5.78 7.83
C LEU A 148 3.72 6.67 8.11
N CYS A 149 3.83 7.50 9.15
CA CYS A 149 2.80 8.46 9.53
C CYS A 149 2.73 9.55 8.47
N VAL A 150 3.90 9.99 7.99
CA VAL A 150 3.98 11.01 6.95
C VAL A 150 3.32 10.45 5.66
N ILE A 151 3.63 9.18 5.29
CA ILE A 151 3.06 8.53 4.11
C ILE A 151 1.53 8.58 4.22
N ALA A 152 0.98 8.13 5.38
CA ALA A 152 -0.48 8.11 5.63
C ALA A 152 -1.09 9.49 5.40
N VAL A 153 -0.53 10.54 6.03
CA VAL A 153 -0.98 11.93 5.89
C VAL A 153 -0.91 12.38 4.41
N ASP A 154 0.25 12.14 3.76
CA ASP A 154 0.44 12.49 2.36
C ASP A 154 -0.62 11.82 1.48
N ARG A 155 -0.90 10.52 1.72
CA ARG A 155 -1.90 9.76 0.98
C ARG A 155 -3.29 10.27 1.26
N TYR A 156 -3.54 10.83 2.46
CA TYR A 156 -4.84 11.40 2.82
C TYR A 156 -5.11 12.66 2.03
N PHE A 157 -4.15 13.59 2.02
CA PHE A 157 -4.31 14.84 1.29
C PHE A 157 -4.42 14.58 -0.20
N ALA A 158 -3.71 13.55 -0.70
CA ALA A 158 -3.74 13.15 -2.10
C ALA A 158 -5.15 12.71 -2.50
N ILE A 159 -5.73 11.73 -1.76
CA ILE A 159 -7.05 11.13 -2.03
C ILE A 159 -8.16 12.19 -1.83
N THR A 160 -7.93 13.21 -1.00
CA THR A 160 -8.98 14.20 -0.77
C THR A 160 -8.80 15.44 -1.65
N SER A 161 -7.88 15.34 -2.62
CA SER A 161 -7.63 16.40 -3.59
C SER A 161 -8.25 16.00 -4.95
N PRO A 162 -8.48 16.95 -5.88
CA PRO A 162 -9.00 16.54 -7.20
C PRO A 162 -8.00 15.70 -7.98
N PHE A 163 -6.70 15.76 -7.61
CA PHE A 163 -5.61 15.00 -8.25
C PHE A 163 -5.69 13.51 -7.86
N LYS A 164 -6.41 13.19 -6.77
CA LYS A 164 -6.76 11.87 -6.25
C LYS A 164 -5.58 10.96 -5.86
N TYR A 165 -4.67 10.64 -6.77
CA TYR A 165 -3.63 9.66 -6.44
C TYR A 165 -2.21 10.22 -6.42
N GLN A 166 -2.05 11.54 -6.66
CA GLN A 166 -0.75 12.21 -6.67
C GLN A 166 -0.57 13.08 -5.44
N SER A 167 0.65 13.06 -4.87
CA SER A 167 1.02 13.89 -3.73
C SER A 167 0.87 15.37 -4.05
N LEU A 168 0.48 16.15 -3.06
CA LEU A 168 0.37 17.61 -3.18
C LEU A 168 1.75 18.21 -2.92
N LEU A 169 2.67 17.36 -2.45
CA LEU A 169 4.03 17.77 -2.20
C LEU A 169 4.83 17.64 -3.46
N THR A 170 5.90 18.43 -3.54
CA THR A 170 6.88 18.38 -4.61
C THR A 170 8.03 17.56 -4.04
N LYS A 171 8.91 17.03 -4.89
CA LYS A 171 10.04 16.21 -4.46
C LYS A 171 10.96 16.99 -3.51
N ASN A 172 11.12 18.33 -3.74
CA ASN A 172 11.95 19.15 -2.88
C ASN A 172 11.34 19.22 -1.50
N LYS A 173 10.02 19.54 -1.40
CA LYS A 173 9.26 19.59 -0.15
C LYS A 173 9.35 18.24 0.57
N ALA A 174 9.04 17.13 -0.13
CA ALA A 174 9.16 15.77 0.39
C ALA A 174 10.58 15.50 0.95
N ARG A 175 11.67 15.93 0.24
CA ARG A 175 13.09 15.76 0.70
C ARG A 175 13.29 16.51 2.01
N VAL A 176 12.79 17.76 2.10
CA VAL A 176 12.86 18.62 3.28
C VAL A 176 12.05 17.98 4.42
N ILE A 177 10.92 17.32 4.12
CA ILE A 177 10.13 16.65 5.16
C ILE A 177 10.95 15.49 5.73
N ILE A 178 11.58 14.69 4.85
CA ILE A 178 12.37 13.50 5.26
C ILE A 178 13.54 13.95 6.16
N LEU A 179 14.24 15.01 5.74
CA LEU A 179 15.35 15.61 6.48
C LEU A 179 14.89 16.07 7.84
N MET A 180 13.67 16.68 7.95
CA MET A 180 13.06 17.14 9.20
C MET A 180 12.77 15.97 10.13
N VAL A 181 12.18 14.87 9.60
CA VAL A 181 11.88 13.66 10.38
C VAL A 181 13.18 13.14 11.00
N TRP A 182 14.21 12.88 10.19
CA TRP A 182 15.50 12.34 10.62
C TRP A 182 16.25 13.26 11.61
N ILE A 183 16.21 14.60 11.42
CA ILE A 183 16.89 15.54 12.34
C ILE A 183 16.19 15.54 13.70
N VAL A 184 14.87 15.75 13.71
CA VAL A 184 14.08 15.79 14.94
C VAL A 184 14.15 14.44 15.66
N SER A 185 13.81 13.33 14.98
CA SER A 185 13.81 12.00 15.61
C SER A 185 15.23 11.62 16.06
N GLY A 186 16.25 12.10 15.34
CA GLY A 186 17.65 11.94 15.72
C GLY A 186 17.97 12.74 16.97
N LEU A 187 17.36 13.93 17.10
CA LEU A 187 17.58 14.77 18.27
C LEU A 187 16.92 14.16 19.47
N THR A 188 15.70 13.61 19.30
CA THR A 188 14.96 12.97 20.38
C THR A 188 15.54 11.58 20.67
N SER A 189 16.35 11.03 19.75
CA SER A 189 16.94 9.71 19.97
C SER A 189 18.26 9.80 20.71
N PHE A 190 19.18 10.64 20.20
CA PHE A 190 20.54 10.79 20.72
C PHE A 190 20.64 11.63 22.00
N LEU A 191 19.93 12.78 22.08
CA LEU A 191 20.06 13.66 23.26
C LEU A 191 19.69 12.95 24.56
N PRO A 192 18.48 12.35 24.79
CA PRO A 192 18.23 11.72 26.10
C PRO A 192 19.24 10.62 26.46
N ILE A 193 19.87 9.98 25.46
CA ILE A 193 20.84 8.94 25.77
C ILE A 193 22.22 9.56 26.12
N GLN A 194 22.79 10.41 25.23
CA GLN A 194 24.10 11.03 25.45
C GLN A 194 24.13 11.82 26.77
N MET A 195 23.05 12.56 27.06
CA MET A 195 22.85 13.36 28.26
C MET A 195 22.63 12.51 29.54
N HIS A 196 22.28 11.21 29.37
CA HIS A 196 22.02 10.20 30.41
C HIS A 196 20.69 10.43 31.14
N TRP A 197 19.76 11.13 30.50
CA TRP A 197 18.43 11.40 31.04
C TRP A 197 17.63 10.11 31.20
N TYR A 198 17.92 9.11 30.38
CA TYR A 198 17.25 7.80 30.36
C TYR A 198 17.57 6.95 31.58
N ARG A 199 18.77 7.16 32.18
CA ARG A 199 19.34 6.35 33.25
C ARG A 199 18.47 6.13 34.45
N ALA A 200 18.45 4.86 34.88
CA ALA A 200 17.76 4.35 36.06
C ALA A 200 18.70 4.48 37.26
N THR A 201 18.14 4.72 38.44
CA THR A 201 18.91 4.94 39.67
C THR A 201 19.05 3.68 40.56
N HIS A 202 18.55 2.50 40.13
CA HIS A 202 18.70 1.29 40.95
C HIS A 202 20.10 0.69 40.72
N GLN A 203 20.61 -0.03 41.73
CA GLN A 203 21.96 -0.58 41.77
C GLN A 203 22.27 -1.51 40.60
N GLU A 204 21.30 -2.37 40.20
CA GLU A 204 21.47 -3.30 39.08
C GLU A 204 21.77 -2.50 37.77
N ALA A 205 21.09 -1.37 37.59
CA ALA A 205 21.28 -0.46 36.46
C ALA A 205 22.62 0.27 36.58
N ILE A 206 22.87 0.91 37.76
CA ILE A 206 24.07 1.69 38.07
C ILE A 206 25.32 0.83 37.85
N ASN A 207 25.35 -0.41 38.37
CA ASN A 207 26.46 -1.36 38.16
C ASN A 207 26.67 -1.61 36.66
N CYS A 208 25.56 -1.81 35.92
CA CYS A 208 25.61 -2.05 34.50
C CYS A 208 26.17 -0.86 33.73
N TYR A 209 25.85 0.39 34.16
CA TYR A 209 26.38 1.61 33.52
C TYR A 209 27.90 1.66 33.66
N ALA A 210 28.40 1.47 34.88
CA ALA A 210 29.83 1.50 35.18
C ALA A 210 30.60 0.33 34.54
N GLU A 211 29.93 -0.81 34.29
CA GLU A 211 30.57 -1.97 33.70
C GLU A 211 30.61 -1.84 32.20
N GLU A 212 31.84 -1.85 31.66
CA GLU A 212 32.11 -1.73 30.23
C GLU A 212 31.53 -2.90 29.41
N THR A 213 31.39 -4.09 30.02
CA THR A 213 30.87 -5.28 29.33
C THR A 213 29.34 -5.41 29.45
N CYS A 214 28.68 -4.53 30.20
CA CYS A 214 27.24 -4.60 30.34
C CYS A 214 26.58 -3.54 29.48
N CYS A 215 25.70 -3.97 28.56
CA CYS A 215 24.96 -3.03 27.71
C CYS A 215 23.48 -3.43 27.71
N ASP A 216 22.95 -3.58 28.92
CA ASP A 216 21.55 -3.89 29.12
C ASP A 216 20.81 -2.59 29.22
N PHE A 217 19.81 -2.43 28.38
CA PHE A 217 19.00 -1.23 28.29
C PHE A 217 18.12 -1.04 29.51
N PHE A 218 18.72 -0.55 30.61
CA PHE A 218 18.00 -0.21 31.82
C PHE A 218 17.63 1.26 31.71
N THR A 219 16.33 1.58 31.81
CA THR A 219 15.89 2.98 31.76
C THR A 219 14.97 3.29 32.93
N ASN A 220 14.86 4.56 33.31
CA ASN A 220 13.90 4.98 34.33
C ASN A 220 12.50 4.97 33.67
N GLN A 221 11.44 4.90 34.48
CA GLN A 221 10.06 4.79 34.01
C GLN A 221 9.61 6.02 33.23
N ALA A 222 9.93 7.25 33.69
CA ALA A 222 9.51 8.49 33.02
C ALA A 222 10.04 8.54 31.59
N TYR A 223 11.34 8.15 31.38
CA TYR A 223 11.94 8.08 30.05
C TYR A 223 11.24 7.02 29.19
N ALA A 224 11.07 5.80 29.73
CA ALA A 224 10.43 4.68 29.03
C ALA A 224 9.04 5.08 28.56
N ILE A 225 8.23 5.68 29.48
CA ILE A 225 6.89 6.14 29.16
C ILE A 225 6.93 7.28 28.14
N ALA A 226 7.61 8.41 28.47
CA ALA A 226 7.65 9.60 27.59
C ALA A 226 8.14 9.30 26.19
N SER A 227 9.37 8.77 26.05
CA SER A 227 9.96 8.48 24.74
C SER A 227 9.09 7.49 23.91
N SER A 228 8.45 6.47 24.54
CA SER A 228 7.57 5.49 23.85
C SER A 228 6.34 6.13 23.24
N ILE A 229 5.71 7.06 23.96
CA ILE A 229 4.49 7.73 23.52
C ILE A 229 4.80 8.65 22.34
N VAL A 230 5.76 9.56 22.50
CA VAL A 230 6.13 10.56 21.50
C VAL A 230 6.80 9.90 20.27
N SER A 231 7.71 8.95 20.51
CA SER A 231 8.44 8.34 19.41
C SER A 231 7.72 7.18 18.75
N PHE A 232 6.69 6.59 19.37
CA PHE A 232 6.07 5.43 18.75
C PHE A 232 4.54 5.44 18.76
N TYR A 233 3.90 5.66 19.92
CA TYR A 233 2.44 5.55 20.02
C TYR A 233 1.69 6.67 19.30
N VAL A 234 2.09 7.94 19.52
CA VAL A 234 1.48 9.11 18.88
C VAL A 234 1.53 8.95 17.34
N PRO A 235 2.71 8.71 16.67
CA PRO A 235 2.69 8.60 15.20
C PRO A 235 1.90 7.37 14.72
N LEU A 236 1.91 6.26 15.52
CA LEU A 236 1.16 5.03 15.23
C LEU A 236 -0.34 5.29 15.24
N VAL A 237 -0.82 5.97 16.28
CA VAL A 237 -2.24 6.27 16.46
C VAL A 237 -2.73 7.18 15.31
N ILE A 238 -1.93 8.18 14.93
CA ILE A 238 -2.30 9.09 13.87
C ILE A 238 -2.33 8.33 12.53
N MET A 239 -1.28 7.52 12.23
CA MET A 239 -1.15 6.71 11.03
C MET A 239 -2.35 5.78 10.82
N VAL A 240 -2.73 4.97 11.84
CA VAL A 240 -3.84 4.01 11.75
C VAL A 240 -5.16 4.75 11.57
N PHE A 241 -5.32 5.89 12.24
CA PHE A 241 -6.55 6.68 12.14
C PHE A 241 -6.70 7.31 10.76
N VAL A 242 -5.60 7.93 10.24
CA VAL A 242 -5.56 8.64 8.97
C VAL A 242 -5.64 7.63 7.83
N TYR A 243 -4.89 6.52 7.93
CA TYR A 243 -4.88 5.52 6.87
C TYR A 243 -6.19 4.74 6.77
N SER A 244 -6.98 4.65 7.85
CA SER A 244 -8.28 4.00 7.73
C SER A 244 -9.21 4.94 6.91
N ARG A 245 -9.01 6.27 7.02
CA ARG A 245 -9.78 7.22 6.21
C ARG A 245 -9.38 7.12 4.74
N VAL A 246 -8.06 7.01 4.44
CA VAL A 246 -7.54 6.86 3.06
C VAL A 246 -8.30 5.70 2.37
N PHE A 247 -8.36 4.52 3.02
CA PHE A 247 -9.07 3.33 2.57
C PHE A 247 -10.58 3.59 2.41
N GLN A 248 -11.19 4.26 3.39
CA GLN A 248 -12.62 4.61 3.34
C GLN A 248 -12.91 5.45 2.09
N GLU A 249 -12.09 6.51 1.88
CA GLU A 249 -12.17 7.44 0.76
C GLU A 249 -11.99 6.75 -0.60
N ALA A 250 -11.05 5.80 -0.71
CA ALA A 250 -10.85 5.07 -1.97
C ALA A 250 -12.12 4.29 -2.37
N LYS A 251 -12.83 3.71 -1.38
CA LYS A 251 -14.06 2.97 -1.63
C LYS A 251 -15.20 3.95 -1.96
N ARG A 252 -15.42 4.95 -1.09
CA ARG A 252 -16.41 6.03 -1.18
C ARG A 252 -16.33 6.79 -2.53
N GLN A 253 -15.11 7.15 -2.97
CA GLN A 253 -14.86 7.90 -4.19
C GLN A 253 -14.84 7.02 -5.47
N LEU A 254 -15.09 5.70 -5.34
CA LEU A 254 -15.22 4.86 -6.53
C LEU A 254 -16.42 5.36 -7.35
N ASN A 255 -16.23 5.42 -8.66
CA ASN A 255 -17.22 5.92 -9.58
C ASN A 255 -17.31 4.96 -10.79
N ILE A 256 -18.17 5.31 -11.77
CA ILE A 256 -18.36 4.52 -12.98
C ILE A 256 -17.05 4.49 -13.82
N PHE A 257 -16.28 5.59 -13.83
CA PHE A 257 -15.05 5.63 -14.66
C PHE A 257 -14.00 4.65 -14.14
N GLU A 258 -13.85 4.56 -12.83
CA GLU A 258 -12.88 3.65 -12.25
C GLU A 258 -13.37 2.22 -12.41
N MET A 259 -14.70 2.01 -12.26
CA MET A 259 -15.40 0.73 -12.42
C MET A 259 -15.19 0.15 -13.83
N LEU A 260 -15.26 1.02 -14.84
CA LEU A 260 -15.06 0.57 -16.21
C LEU A 260 -13.58 0.44 -16.51
N ARG A 261 -12.72 1.35 -15.96
CA ARG A 261 -11.28 1.21 -16.16
C ARG A 261 -10.86 -0.19 -15.66
N ILE A 262 -11.46 -0.63 -14.53
CA ILE A 262 -11.27 -1.96 -13.95
C ILE A 262 -11.82 -3.05 -14.92
N ASP A 263 -13.11 -2.98 -15.31
CA ASP A 263 -13.74 -4.05 -16.10
C ASP A 263 -13.27 -4.18 -17.53
N GLU A 264 -13.15 -3.05 -18.23
CA GLU A 264 -12.76 -2.98 -19.63
C GLU A 264 -11.24 -3.02 -19.85
N GLY A 265 -10.45 -2.60 -18.85
CA GLY A 265 -9.00 -2.51 -18.96
C GLY A 265 -8.59 -1.29 -19.77
N LEU A 266 -7.28 -1.15 -20.02
CA LEU A 266 -6.73 -0.04 -20.84
C LEU A 266 -5.73 -0.61 -21.80
N ARG A 267 -5.92 -0.31 -23.07
CA ARG A 267 -4.99 -0.75 -24.11
C ARG A 267 -4.89 0.40 -25.12
N LEU A 268 -3.65 0.85 -25.40
CA LEU A 268 -3.41 1.98 -26.31
C LEU A 268 -3.21 1.50 -27.76
N LYS A 269 -3.20 0.17 -27.96
CA LYS A 269 -3.11 -0.46 -29.27
C LYS A 269 -4.40 -1.26 -29.52
N ILE A 270 -4.76 -1.50 -30.79
CA ILE A 270 -5.97 -2.25 -31.14
C ILE A 270 -5.80 -3.71 -30.65
N TYR A 271 -6.89 -4.28 -30.09
CA TYR A 271 -6.96 -5.65 -29.60
C TYR A 271 -8.34 -6.27 -29.92
N LYS A 272 -8.53 -7.57 -29.61
CA LYS A 272 -9.80 -8.27 -29.85
C LYS A 272 -10.58 -8.49 -28.54
N ASP A 273 -11.92 -8.41 -28.65
CA ASP A 273 -12.93 -8.61 -27.60
C ASP A 273 -13.05 -10.07 -27.17
N THR A 274 -14.04 -10.36 -26.31
CA THR A 274 -14.42 -11.72 -25.90
C THR A 274 -15.14 -12.34 -27.12
N GLU A 275 -15.89 -11.48 -27.86
CA GLU A 275 -16.60 -11.79 -29.09
C GLU A 275 -15.64 -11.69 -30.31
N GLY A 276 -14.36 -11.40 -30.01
CA GLY A 276 -13.28 -11.25 -30.99
C GLY A 276 -13.36 -10.01 -31.87
N TYR A 277 -14.12 -8.98 -31.44
CA TYR A 277 -14.26 -7.74 -32.17
C TYR A 277 -13.14 -6.77 -31.85
N TYR A 278 -12.69 -6.01 -32.87
CA TYR A 278 -11.61 -5.02 -32.75
C TYR A 278 -12.02 -3.88 -31.84
N THR A 279 -11.19 -3.67 -30.80
CA THR A 279 -11.37 -2.73 -29.71
C THR A 279 -10.06 -1.97 -29.43
N ILE A 280 -10.16 -0.82 -28.74
CA ILE A 280 -9.05 0.02 -28.28
C ILE A 280 -9.53 0.79 -27.05
N GLY A 281 -8.58 1.40 -26.33
CA GLY A 281 -8.83 2.21 -25.15
C GLY A 281 -9.48 1.43 -24.03
N ILE A 282 -10.52 2.01 -23.45
CA ILE A 282 -11.24 1.37 -22.37
C ILE A 282 -12.55 0.82 -22.97
N GLY A 283 -12.43 -0.39 -23.52
CA GLY A 283 -13.53 -1.10 -24.14
C GLY A 283 -14.21 -0.41 -25.31
N HIS A 284 -13.55 0.57 -25.96
CA HIS A 284 -14.14 1.23 -27.13
C HIS A 284 -14.11 0.30 -28.33
N LEU A 285 -15.28 -0.28 -28.62
CA LEU A 285 -15.53 -1.16 -29.74
C LEU A 285 -15.32 -0.37 -31.02
N LEU A 286 -14.42 -0.82 -31.88
CA LEU A 286 -14.14 -0.12 -33.13
C LEU A 286 -15.07 -0.57 -34.25
N THR A 287 -15.20 -1.87 -34.49
CA THR A 287 -16.06 -2.42 -35.55
C THR A 287 -16.28 -3.92 -35.36
N LYS A 288 -17.47 -4.39 -35.74
CA LYS A 288 -17.76 -5.83 -35.71
C LYS A 288 -17.18 -6.51 -36.97
N SER A 289 -16.60 -5.70 -37.91
CA SER A 289 -15.95 -6.18 -39.13
C SER A 289 -14.63 -6.90 -38.80
N PRO A 290 -14.33 -8.03 -39.50
CA PRO A 290 -13.06 -8.74 -39.20
C PRO A 290 -11.84 -8.18 -39.95
N SER A 291 -11.90 -6.92 -40.37
CA SER A 291 -10.81 -6.26 -41.09
C SER A 291 -10.07 -5.29 -40.15
N LEU A 292 -8.73 -5.46 -40.02
CA LEU A 292 -7.87 -4.61 -39.19
C LEU A 292 -7.83 -3.18 -39.75
N ASN A 293 -7.96 -3.05 -41.09
CA ASN A 293 -7.99 -1.76 -41.77
C ASN A 293 -9.30 -1.04 -41.42
N ALA A 294 -10.43 -1.77 -41.40
CA ALA A 294 -11.74 -1.24 -41.04
C ALA A 294 -11.69 -0.66 -39.63
N ALA A 295 -10.98 -1.36 -38.71
CA ALA A 295 -10.77 -0.95 -37.33
C ALA A 295 -9.86 0.27 -37.26
N LYS A 296 -8.84 0.34 -38.14
CA LYS A 296 -7.88 1.43 -38.22
C LYS A 296 -8.53 2.69 -38.78
N SER A 297 -9.39 2.55 -39.81
CA SER A 297 -10.10 3.68 -40.42
C SER A 297 -11.00 4.32 -39.38
N GLU A 298 -11.90 3.50 -38.78
CA GLU A 298 -12.84 3.88 -37.74
C GLU A 298 -12.12 4.62 -36.62
N LEU A 299 -10.90 4.16 -36.26
CA LEU A 299 -10.07 4.78 -35.23
C LEU A 299 -9.59 6.16 -35.69
N ASP A 300 -9.00 6.25 -36.91
CA ASP A 300 -8.52 7.49 -37.52
C ASP A 300 -9.65 8.51 -37.59
N LYS A 301 -10.88 8.05 -37.91
CA LYS A 301 -12.11 8.84 -37.97
C LYS A 301 -12.49 9.38 -36.59
N ALA A 302 -12.51 8.50 -35.57
CA ALA A 302 -12.88 8.81 -34.19
C ALA A 302 -11.98 9.91 -33.60
N ILE A 303 -10.66 9.64 -33.56
CA ILE A 303 -9.63 10.51 -32.99
C ILE A 303 -9.43 11.80 -33.82
N GLY A 304 -9.56 11.70 -35.14
CA GLY A 304 -9.37 12.83 -36.03
C GLY A 304 -7.91 13.14 -36.31
N ARG A 305 -7.14 12.10 -36.71
CA ARG A 305 -5.71 12.12 -37.10
C ARG A 305 -5.24 10.71 -37.52
N ASN A 306 -4.05 10.60 -38.15
CA ASN A 306 -3.45 9.32 -38.55
C ASN A 306 -2.89 8.62 -37.32
N THR A 307 -3.68 7.73 -36.72
CA THR A 307 -3.33 7.01 -35.49
C THR A 307 -2.36 5.85 -35.74
N ASN A 308 -2.50 5.15 -36.88
CA ASN A 308 -1.71 3.97 -37.28
C ASN A 308 -1.92 2.86 -36.22
N GLY A 309 -3.18 2.70 -35.82
CA GLY A 309 -3.62 1.70 -34.84
C GLY A 309 -3.20 1.91 -33.40
N VAL A 310 -2.56 3.04 -33.10
CA VAL A 310 -2.07 3.36 -31.75
C VAL A 310 -2.67 4.71 -31.31
N ILE A 311 -3.01 4.83 -30.01
CA ILE A 311 -3.52 6.09 -29.44
C ILE A 311 -2.78 6.43 -28.14
N THR A 312 -2.89 7.70 -27.71
CA THR A 312 -2.27 8.22 -26.48
C THR A 312 -3.24 7.98 -25.31
N LYS A 313 -2.78 8.16 -24.06
CA LYS A 313 -3.62 8.02 -22.87
C LYS A 313 -4.65 9.16 -22.86
N ASP A 314 -4.27 10.33 -23.42
CA ASP A 314 -5.13 11.49 -23.55
C ASP A 314 -6.32 11.16 -24.49
N GLU A 315 -6.04 10.43 -25.59
CA GLU A 315 -7.01 10.01 -26.58
C GLU A 315 -7.93 8.92 -26.04
N ALA A 316 -7.34 7.95 -25.31
CA ALA A 316 -8.05 6.82 -24.68
C ALA A 316 -9.10 7.30 -23.69
N GLU A 317 -8.76 8.31 -22.86
CA GLU A 317 -9.66 8.90 -21.88
C GLU A 317 -10.72 9.73 -22.57
N LYS A 318 -10.34 10.41 -23.68
CA LYS A 318 -11.25 11.23 -24.48
C LYS A 318 -12.43 10.39 -25.01
N LEU A 319 -12.14 9.26 -25.72
CA LEU A 319 -13.15 8.34 -26.25
C LEU A 319 -14.02 7.80 -25.15
N PHE A 320 -13.39 7.42 -24.00
CA PHE A 320 -14.02 6.87 -22.82
C PHE A 320 -15.12 7.78 -22.30
N ASN A 321 -14.85 9.10 -22.24
CA ASN A 321 -15.81 10.11 -21.79
C ASN A 321 -17.04 10.11 -22.67
N GLN A 322 -16.83 10.12 -23.98
CA GLN A 322 -17.90 10.08 -24.96
C GLN A 322 -18.75 8.85 -24.75
N ASP A 323 -18.10 7.67 -24.65
CA ASP A 323 -18.74 6.37 -24.45
C ASP A 323 -19.63 6.34 -23.19
N VAL A 324 -19.06 6.73 -22.04
CA VAL A 324 -19.78 6.78 -20.77
C VAL A 324 -20.93 7.76 -20.90
N ASP A 325 -20.68 8.93 -21.53
CA ASP A 325 -21.71 9.95 -21.75
C ASP A 325 -22.85 9.36 -22.60
N ALA A 326 -22.52 8.69 -23.71
CA ALA A 326 -23.47 8.05 -24.61
C ALA A 326 -24.30 7.00 -23.87
N ALA A 327 -23.66 6.19 -23.00
CA ALA A 327 -24.32 5.15 -22.23
C ALA A 327 -25.40 5.77 -21.36
N VAL A 328 -25.09 6.87 -20.64
CA VAL A 328 -26.03 7.58 -19.78
C VAL A 328 -27.17 8.21 -20.62
N ARG A 329 -26.83 8.86 -21.77
CA ARG A 329 -27.80 9.48 -22.67
C ARG A 329 -28.75 8.43 -23.24
N GLY A 330 -28.20 7.26 -23.55
CA GLY A 330 -28.96 6.13 -24.06
C GLY A 330 -29.94 5.59 -23.05
N ILE A 331 -29.56 5.60 -21.77
CA ILE A 331 -30.41 5.17 -20.64
C ILE A 331 -31.60 6.13 -20.52
N LEU A 332 -31.30 7.45 -20.48
CA LEU A 332 -32.29 8.52 -20.36
C LEU A 332 -33.22 8.61 -21.60
N ARG A 333 -32.82 8.03 -22.75
CA ARG A 333 -33.67 8.06 -23.94
C ARG A 333 -34.47 6.75 -24.10
N ASN A 334 -34.20 5.74 -23.24
CA ASN A 334 -34.91 4.46 -23.28
C ASN A 334 -36.06 4.43 -22.27
N ALA A 335 -37.29 4.14 -22.76
CA ALA A 335 -38.50 4.07 -21.92
C ALA A 335 -38.41 2.92 -20.92
N LYS A 336 -37.74 1.82 -21.29
CA LYS A 336 -37.61 0.66 -20.41
C LYS A 336 -36.51 0.82 -19.35
N LEU A 337 -35.43 1.59 -19.65
CA LEU A 337 -34.28 1.73 -18.74
C LEU A 337 -34.36 2.92 -17.78
N LYS A 338 -34.90 4.07 -18.26
CA LYS A 338 -35.03 5.35 -17.53
C LYS A 338 -35.77 5.19 -16.15
N PRO A 339 -36.90 4.45 -15.99
CA PRO A 339 -37.53 4.34 -14.66
C PRO A 339 -36.70 3.51 -13.68
N VAL A 340 -35.98 2.51 -14.21
CA VAL A 340 -35.08 1.65 -13.44
C VAL A 340 -33.93 2.51 -12.90
N TYR A 341 -33.36 3.38 -13.76
CA TYR A 341 -32.25 4.29 -13.47
C TYR A 341 -32.66 5.31 -12.40
N ASP A 342 -33.90 5.84 -12.51
CA ASP A 342 -34.44 6.84 -11.58
C ASP A 342 -34.62 6.29 -10.17
N SER A 343 -34.95 4.99 -10.06
CA SER A 343 -35.18 4.35 -8.76
C SER A 343 -33.88 3.91 -8.12
N LEU A 344 -32.78 3.85 -8.88
CA LEU A 344 -31.53 3.36 -8.32
C LEU A 344 -30.71 4.43 -7.60
N ASP A 345 -29.90 3.98 -6.63
CA ASP A 345 -28.94 4.79 -5.91
C ASP A 345 -27.69 4.98 -6.78
N ALA A 346 -26.85 5.92 -6.39
CA ALA A 346 -25.62 6.31 -7.09
C ALA A 346 -24.77 5.11 -7.50
N VAL A 347 -24.51 4.17 -6.56
CA VAL A 347 -23.67 2.99 -6.82
C VAL A 347 -24.33 2.06 -7.88
N ARG A 348 -25.59 1.65 -7.65
CA ARG A 348 -26.37 0.77 -8.53
C ARG A 348 -26.55 1.36 -9.93
N ARG A 349 -26.66 2.71 -10.06
CA ARG A 349 -26.76 3.40 -11.36
C ARG A 349 -25.50 3.10 -12.17
N ALA A 350 -24.31 3.13 -11.53
CA ALA A 350 -23.03 2.83 -12.15
C ALA A 350 -23.02 1.37 -12.66
N ALA A 351 -23.62 0.43 -11.89
CA ALA A 351 -23.71 -0.97 -12.31
C ALA A 351 -24.57 -1.06 -13.57
N LEU A 352 -25.68 -0.29 -13.63
CA LEU A 352 -26.58 -0.25 -14.79
C LEU A 352 -25.89 0.42 -15.99
N ILE A 353 -25.16 1.56 -15.77
CA ILE A 353 -24.40 2.26 -16.83
C ILE A 353 -23.39 1.26 -17.45
N ASN A 354 -22.70 0.49 -16.57
CA ASN A 354 -21.71 -0.52 -16.92
C ASN A 354 -22.29 -1.54 -17.92
N MET A 355 -23.52 -2.03 -17.67
CA MET A 355 -24.21 -3.01 -18.51
C MET A 355 -24.52 -2.45 -19.89
N VAL A 356 -24.98 -1.19 -19.92
CA VAL A 356 -25.33 -0.46 -21.14
C VAL A 356 -24.05 -0.19 -21.93
N PHE A 357 -22.96 0.11 -21.23
CA PHE A 357 -21.66 0.34 -21.83
C PHE A 357 -21.20 -0.92 -22.56
N GLN A 358 -21.31 -2.10 -21.90
CA GLN A 358 -20.87 -3.37 -22.47
C GLN A 358 -21.80 -3.91 -23.58
N MET A 359 -23.11 -3.98 -23.31
CA MET A 359 -24.09 -4.62 -24.17
C MET A 359 -24.97 -3.68 -24.99
N GLY A 360 -25.04 -2.41 -24.61
CA GLY A 360 -25.88 -1.45 -25.31
C GLY A 360 -27.28 -1.43 -24.74
N GLU A 361 -27.93 -0.26 -24.83
CA GLU A 361 -29.29 0.05 -24.36
C GLU A 361 -30.32 -1.05 -24.67
N THR A 362 -30.37 -1.48 -25.92
CA THR A 362 -31.30 -2.50 -26.41
C THR A 362 -31.06 -3.87 -25.73
N GLY A 363 -29.79 -4.26 -25.61
CA GLY A 363 -29.42 -5.52 -24.97
C GLY A 363 -29.90 -5.60 -23.54
N VAL A 364 -29.60 -4.55 -22.75
CA VAL A 364 -29.97 -4.46 -21.34
C VAL A 364 -31.51 -4.44 -21.19
N ALA A 365 -32.20 -3.69 -22.08
CA ALA A 365 -33.65 -3.55 -22.11
C ALA A 365 -34.38 -4.90 -22.19
N GLY A 366 -33.70 -5.90 -22.75
CA GLY A 366 -34.18 -7.27 -22.87
C GLY A 366 -34.32 -7.99 -21.55
N PHE A 367 -33.53 -7.59 -20.52
CA PHE A 367 -33.59 -8.14 -19.17
C PHE A 367 -34.82 -7.55 -18.42
N THR A 368 -36.01 -7.63 -19.07
CA THR A 368 -37.28 -7.06 -18.58
C THR A 368 -37.64 -7.49 -17.15
N ASN A 369 -37.42 -8.78 -16.79
CA ASN A 369 -37.74 -9.28 -15.45
C ASN A 369 -36.72 -8.80 -14.41
N SER A 370 -35.44 -8.66 -14.78
CA SER A 370 -34.38 -8.18 -13.88
C SER A 370 -34.59 -6.72 -13.59
N LEU A 371 -34.77 -5.92 -14.63
CA LEU A 371 -35.03 -4.49 -14.54
C LEU A 371 -36.24 -4.22 -13.63
N ARG A 372 -37.33 -5.01 -13.81
CA ARG A 372 -38.54 -4.90 -13.00
C ARG A 372 -38.23 -5.06 -11.51
N MET A 373 -37.37 -6.03 -11.17
CA MET A 373 -37.02 -6.27 -9.78
C MET A 373 -35.94 -5.32 -9.28
N LEU A 374 -35.20 -4.67 -10.18
CA LEU A 374 -34.23 -3.65 -9.74
C LEU A 374 -35.02 -2.45 -9.29
N GLN A 375 -36.08 -2.15 -10.04
CA GLN A 375 -37.03 -1.08 -9.77
C GLN A 375 -37.73 -1.33 -8.42
N GLN A 376 -38.17 -2.59 -8.18
CA GLN A 376 -38.87 -3.03 -6.97
C GLN A 376 -37.92 -3.31 -5.78
N LYS A 377 -36.61 -3.00 -5.97
CA LYS A 377 -35.54 -3.13 -4.98
C LYS A 377 -35.34 -4.60 -4.52
N ARG A 378 -35.71 -5.56 -5.37
CA ARG A 378 -35.57 -6.98 -5.08
C ARG A 378 -34.26 -7.50 -5.67
N TRP A 379 -33.15 -6.98 -5.11
CA TRP A 379 -31.76 -7.20 -5.49
C TRP A 379 -31.40 -8.68 -5.66
N ASP A 380 -31.56 -9.51 -4.61
CA ASP A 380 -31.20 -10.95 -4.67
C ASP A 380 -32.00 -11.69 -5.73
N GLU A 381 -33.26 -11.27 -5.94
CA GLU A 381 -34.13 -11.85 -6.96
C GLU A 381 -33.66 -11.42 -8.35
N ALA A 382 -33.24 -10.14 -8.49
CA ALA A 382 -32.68 -9.60 -9.74
C ALA A 382 -31.36 -10.33 -10.09
N ALA A 383 -30.51 -10.53 -9.07
CA ALA A 383 -29.21 -11.20 -9.12
C ALA A 383 -29.28 -12.60 -9.73
N VAL A 384 -30.32 -13.36 -9.36
CA VAL A 384 -30.54 -14.73 -9.82
C VAL A 384 -30.83 -14.68 -11.32
N ASN A 385 -31.81 -13.87 -11.74
CA ASN A 385 -32.19 -13.74 -13.15
C ASN A 385 -31.00 -13.29 -14.02
N LEU A 386 -30.23 -12.30 -13.50
CA LEU A 386 -29.06 -11.78 -14.20
C LEU A 386 -27.98 -12.86 -14.32
N ALA A 387 -27.88 -13.77 -13.32
CA ALA A 387 -26.92 -14.87 -13.34
C ALA A 387 -27.34 -15.91 -14.38
N LYS A 388 -28.67 -16.04 -14.60
CA LYS A 388 -29.29 -16.96 -15.56
C LYS A 388 -29.48 -16.25 -16.91
N SER A 389 -28.34 -15.84 -17.52
CA SER A 389 -28.29 -15.11 -18.80
C SER A 389 -27.02 -15.47 -19.61
N ARG A 390 -27.01 -15.08 -20.92
CA ARG A 390 -25.86 -15.31 -21.80
C ARG A 390 -24.69 -14.41 -21.38
N TRP A 391 -25.03 -13.19 -20.87
CA TRP A 391 -24.13 -12.16 -20.34
C TRP A 391 -23.23 -12.72 -19.27
N TYR A 392 -23.83 -13.47 -18.33
CA TYR A 392 -23.10 -14.08 -17.23
C TYR A 392 -22.18 -15.19 -17.74
N ASN A 393 -22.64 -16.00 -18.70
CA ASN A 393 -21.84 -17.08 -19.26
C ASN A 393 -20.65 -16.53 -20.06
N GLN A 394 -20.89 -15.49 -20.86
CA GLN A 394 -19.88 -14.84 -21.70
C GLN A 394 -18.78 -14.17 -20.84
N THR A 395 -19.17 -13.32 -19.88
CA THR A 395 -18.23 -12.60 -19.02
C THR A 395 -18.57 -12.86 -17.54
N PRO A 396 -18.21 -14.04 -16.99
CA PRO A 396 -18.59 -14.35 -15.59
C PRO A 396 -17.92 -13.49 -14.52
N ASN A 397 -16.65 -13.11 -14.71
CA ASN A 397 -15.91 -12.32 -13.71
C ASN A 397 -16.45 -10.89 -13.63
N ARG A 398 -16.80 -10.32 -14.77
CA ARG A 398 -17.35 -8.98 -14.83
C ARG A 398 -18.80 -8.98 -14.36
N ALA A 399 -19.61 -9.93 -14.84
CA ALA A 399 -21.02 -10.07 -14.47
C ALA A 399 -21.18 -10.26 -12.97
N LYS A 400 -20.34 -11.11 -12.35
CA LYS A 400 -20.39 -11.35 -10.90
C LYS A 400 -20.10 -10.04 -10.12
N ARG A 401 -19.15 -9.20 -10.59
CA ARG A 401 -18.85 -7.91 -9.94
C ARG A 401 -20.05 -6.97 -10.07
N VAL A 402 -20.67 -6.93 -11.26
CA VAL A 402 -21.83 -6.08 -11.54
C VAL A 402 -23.06 -6.54 -10.73
N ILE A 403 -23.33 -7.88 -10.77
CA ILE A 403 -24.44 -8.50 -10.04
C ILE A 403 -24.25 -8.25 -8.53
N THR A 404 -23.00 -8.43 -8.01
CA THR A 404 -22.69 -8.19 -6.60
C THR A 404 -23.02 -6.73 -6.24
N THR A 405 -22.63 -5.76 -7.11
CA THR A 405 -22.87 -4.33 -6.92
C THR A 405 -24.36 -4.08 -6.83
N PHE A 406 -25.17 -4.82 -7.61
CA PHE A 406 -26.62 -4.66 -7.57
C PHE A 406 -27.19 -5.24 -6.29
N ARG A 407 -26.58 -6.31 -5.78
CA ARG A 407 -27.07 -6.93 -4.54
C ARG A 407 -26.76 -6.09 -3.33
N THR A 408 -25.48 -5.72 -3.17
CA THR A 408 -24.95 -5.01 -2.03
C THR A 408 -25.29 -3.54 -2.06
N GLY A 409 -25.15 -2.95 -3.25
CA GLY A 409 -25.30 -1.50 -3.43
C GLY A 409 -24.05 -0.82 -2.95
N THR A 410 -22.95 -1.60 -2.76
CA THR A 410 -21.64 -1.15 -2.29
C THR A 410 -20.56 -1.32 -3.39
N TRP A 411 -19.30 -0.92 -3.12
CA TRP A 411 -18.21 -1.08 -4.07
C TRP A 411 -17.27 -2.23 -3.67
N ASP A 412 -17.70 -3.08 -2.72
CA ASP A 412 -16.89 -4.17 -2.17
C ASP A 412 -16.33 -5.12 -3.24
N ALA A 413 -17.04 -5.28 -4.37
CA ALA A 413 -16.61 -6.12 -5.48
C ALA A 413 -15.48 -5.48 -6.30
N TYR A 414 -15.38 -4.13 -6.23
CA TYR A 414 -14.36 -3.38 -6.94
C TYR A 414 -13.22 -2.96 -5.98
N LYS A 415 -13.28 -3.41 -4.69
CA LYS A 415 -12.26 -3.19 -3.67
C LYS A 415 -10.89 -3.65 -4.18
N PHE A 416 -9.89 -2.77 -4.07
CA PHE A 416 -8.47 -2.98 -4.42
C PHE A 416 -8.30 -3.61 -5.80
N CYS A 417 -9.05 -3.10 -6.78
CA CYS A 417 -9.01 -3.59 -8.15
C CYS A 417 -8.24 -2.60 -9.03
N LEU A 418 -8.37 -1.30 -8.75
CA LEU A 418 -7.63 -0.25 -9.46
C LEU A 418 -6.13 -0.35 -9.09
N LYS A 419 -5.20 -0.05 -10.01
CA LYS A 419 -3.74 -0.16 -9.71
C LYS A 419 -3.32 0.81 -8.57
N GLU A 420 -3.94 2.00 -8.54
CA GLU A 420 -3.71 3.02 -7.51
C GLU A 420 -4.24 2.53 -6.15
N HIS A 421 -5.38 1.83 -6.15
CA HIS A 421 -5.95 1.25 -4.93
C HIS A 421 -5.06 0.09 -4.45
N LYS A 422 -4.41 -0.60 -5.42
CA LYS A 422 -3.51 -1.70 -5.11
C LYS A 422 -2.24 -1.17 -4.43
N ALA A 423 -1.79 0.05 -4.86
CA ALA A 423 -0.65 0.75 -4.28
C ALA A 423 -0.98 1.15 -2.85
N LEU A 424 -2.23 1.62 -2.62
CA LEU A 424 -2.71 2.01 -1.30
C LEU A 424 -2.73 0.78 -0.37
N LYS A 425 -3.19 -0.38 -0.88
CA LYS A 425 -3.23 -1.63 -0.12
C LYS A 425 -1.78 -2.01 0.26
N THR A 426 -0.84 -1.95 -0.71
CA THR A 426 0.57 -2.26 -0.45
C THR A 426 1.09 -1.39 0.70
N LEU A 427 0.84 -0.05 0.63
CA LEU A 427 1.28 0.87 1.68
C LEU A 427 0.64 0.53 3.03
N GLY A 428 -0.61 0.07 3.01
CA GLY A 428 -1.30 -0.35 4.22
C GLY A 428 -0.70 -1.59 4.82
N ILE A 429 -0.18 -2.51 3.96
CA ILE A 429 0.44 -3.77 4.36
C ILE A 429 1.77 -3.45 5.09
N ILE A 430 2.55 -2.47 4.57
CA ILE A 430 3.81 -1.99 5.16
C ILE A 430 3.57 -1.48 6.59
N MET A 431 2.48 -0.73 6.77
CA MET A 431 2.08 -0.13 8.03
C MET A 431 1.54 -1.17 8.99
N GLY A 432 0.75 -2.10 8.47
CA GLY A 432 0.15 -3.15 9.29
C GLY A 432 1.17 -4.14 9.81
N THR A 433 2.16 -4.47 8.96
CA THR A 433 3.18 -5.44 9.34
C THR A 433 4.19 -4.78 10.31
N PHE A 434 4.55 -3.49 10.10
CA PHE A 434 5.47 -2.79 11.00
C PHE A 434 4.87 -2.80 12.41
N THR A 435 3.58 -2.37 12.54
CA THR A 435 2.77 -2.33 13.75
C THR A 435 2.73 -3.71 14.42
N LEU A 436 2.43 -4.78 13.66
CA LEU A 436 2.37 -6.12 14.23
C LEU A 436 3.71 -6.55 14.81
N CYS A 437 4.81 -6.25 14.12
CA CYS A 437 6.14 -6.64 14.54
C CYS A 437 6.64 -5.83 15.72
N TRP A 438 6.28 -4.53 15.84
CA TRP A 438 6.78 -3.66 16.92
C TRP A 438 5.87 -3.47 18.12
N LEU A 439 4.55 -3.47 17.94
CA LEU A 439 3.59 -3.25 19.02
C LEU A 439 3.75 -4.25 20.19
N PRO A 440 3.93 -5.59 19.99
CA PRO A 440 4.03 -6.49 21.16
C PRO A 440 5.17 -6.08 22.08
N PHE A 441 6.33 -5.73 21.48
CA PHE A 441 7.53 -5.27 22.19
C PHE A 441 7.21 -3.98 22.96
N PHE A 442 6.64 -2.96 22.28
CA PHE A 442 6.32 -1.68 22.92
C PHE A 442 5.28 -1.81 24.03
N ILE A 443 4.29 -2.72 23.88
CA ILE A 443 3.27 -2.95 24.92
C ILE A 443 3.95 -3.55 26.15
N VAL A 444 4.71 -4.66 25.95
CA VAL A 444 5.43 -5.43 26.97
C VAL A 444 6.42 -4.51 27.72
N ASN A 445 7.04 -3.56 27.00
CA ASN A 445 7.98 -2.58 27.54
C ASN A 445 7.25 -1.60 28.49
N ILE A 446 6.09 -1.05 28.07
CA ILE A 446 5.31 -0.10 28.87
C ILE A 446 4.50 -0.81 29.99
N VAL A 447 4.44 -2.17 29.97
CA VAL A 447 3.80 -2.99 31.00
C VAL A 447 4.87 -3.34 32.04
N HIS A 448 6.14 -3.43 31.62
CA HIS A 448 7.30 -3.68 32.48
C HIS A 448 7.52 -2.46 33.40
N VAL A 449 6.99 -1.30 32.97
CA VAL A 449 7.08 -0.03 33.71
C VAL A 449 6.03 -0.03 34.86
N ILE A 450 4.75 -0.31 34.56
CA ILE A 450 3.65 -0.37 35.53
C ILE A 450 3.93 -1.51 36.52
N GLN A 451 4.04 -2.74 36.02
CA GLN A 451 4.35 -3.94 36.79
C GLN A 451 5.80 -4.37 36.50
N ASP A 452 6.73 -4.02 37.40
CA ASP A 452 8.16 -4.31 37.29
C ASP A 452 8.45 -5.77 36.90
N ASN A 453 7.91 -6.74 37.68
CA ASN A 453 8.11 -8.18 37.45
C ASN A 453 6.99 -8.76 36.57
N LEU A 454 7.07 -8.51 35.25
CA LEU A 454 6.13 -9.02 34.26
C LEU A 454 6.70 -10.32 33.68
N ILE A 455 7.37 -10.24 32.51
CA ILE A 455 8.01 -11.42 31.92
C ILE A 455 9.53 -11.15 31.80
N ARG A 456 10.33 -12.24 31.72
CA ARG A 456 11.79 -12.23 31.73
C ARG A 456 12.47 -11.79 30.43
N LYS A 457 13.78 -11.49 30.56
CA LYS A 457 14.78 -11.07 29.57
C LYS A 457 14.60 -11.76 28.20
N GLU A 458 14.49 -13.11 28.19
CA GLU A 458 14.36 -13.92 26.96
C GLU A 458 13.10 -13.55 26.16
N VAL A 459 12.02 -13.14 26.85
CA VAL A 459 10.77 -12.73 26.18
C VAL A 459 10.96 -11.29 25.64
N TYR A 460 11.59 -10.42 26.45
CA TYR A 460 11.90 -9.05 26.07
C TYR A 460 12.77 -9.02 24.79
N ILE A 461 13.84 -9.84 24.76
CA ILE A 461 14.76 -9.92 23.62
C ILE A 461 14.01 -10.50 22.37
N LEU A 462 13.21 -11.57 22.56
CA LEU A 462 12.43 -12.21 21.49
C LEU A 462 11.53 -11.21 20.77
N LEU A 463 10.77 -10.42 21.53
CA LEU A 463 9.85 -9.44 20.99
C LEU A 463 10.57 -8.29 20.27
N ASN A 464 11.82 -7.98 20.66
CA ASN A 464 12.62 -6.96 20.00
C ASN A 464 13.08 -7.47 18.64
N TRP A 465 13.41 -8.77 18.58
CA TRP A 465 13.87 -9.41 17.35
C TRP A 465 12.73 -9.62 16.37
N ILE A 466 11.47 -9.67 16.87
CA ILE A 466 10.25 -9.71 16.04
C ILE A 466 10.24 -8.39 15.27
N GLY A 467 10.49 -7.30 16.01
CA GLY A 467 10.58 -5.94 15.47
C GLY A 467 11.72 -5.80 14.49
N TYR A 468 12.89 -6.40 14.82
CA TYR A 468 14.09 -6.35 13.98
C TYR A 468 13.84 -7.01 12.60
N VAL A 469 13.26 -8.21 12.62
CA VAL A 469 12.96 -9.02 11.45
C VAL A 469 12.06 -8.22 10.45
N ASN A 470 11.33 -7.17 10.93
CA ASN A 470 10.49 -6.30 10.09
C ASN A 470 11.33 -5.54 9.04
N SER A 471 12.57 -5.16 9.39
CA SER A 471 13.51 -4.48 8.49
C SER A 471 13.83 -5.32 7.25
N GLY A 472 13.56 -6.63 7.32
CA GLY A 472 13.78 -7.58 6.24
C GLY A 472 12.56 -7.84 5.40
N PHE A 473 11.36 -7.56 5.94
CA PHE A 473 10.07 -7.76 5.29
C PHE A 473 9.70 -6.77 4.19
N ASN A 474 9.96 -5.47 4.40
CA ASN A 474 9.56 -4.40 3.46
C ASN A 474 10.02 -4.64 2.01
N PRO A 475 11.29 -5.04 1.73
CA PRO A 475 11.67 -5.30 0.31
C PRO A 475 10.79 -6.34 -0.39
N LEU A 476 10.30 -7.35 0.34
CA LEU A 476 9.44 -8.39 -0.20
C LEU A 476 8.03 -7.87 -0.47
N ILE A 477 7.56 -6.91 0.33
CA ILE A 477 6.24 -6.33 0.17
C ILE A 477 6.25 -5.42 -1.08
N TYR A 478 7.36 -4.72 -1.36
CA TYR A 478 7.43 -3.88 -2.58
C TYR A 478 7.33 -4.72 -3.88
N CYS A 479 7.55 -6.06 -3.78
CA CYS A 479 7.40 -7.02 -4.88
C CYS A 479 5.95 -7.05 -5.39
N ARG A 480 5.00 -6.47 -4.61
CA ARG A 480 3.59 -6.33 -5.00
C ARG A 480 3.48 -5.33 -6.18
N SER A 481 4.28 -4.24 -6.13
CA SER A 481 4.36 -3.22 -7.17
C SER A 481 5.02 -3.80 -8.45
N PRO A 482 4.34 -3.68 -9.61
CA PRO A 482 4.92 -4.20 -10.86
C PRO A 482 6.19 -3.43 -11.26
N ASP A 483 6.22 -2.12 -10.92
CA ASP A 483 7.33 -1.22 -11.17
C ASP A 483 8.53 -1.66 -10.37
N PHE A 484 8.29 -2.08 -9.10
CA PHE A 484 9.36 -2.58 -8.24
C PHE A 484 9.83 -3.93 -8.71
N ARG A 485 8.88 -4.84 -9.09
CA ARG A 485 9.22 -6.17 -9.61
C ARG A 485 10.21 -6.09 -10.79
N ILE A 486 9.90 -5.26 -11.83
CA ILE A 486 10.76 -5.07 -13.00
C ILE A 486 12.13 -4.55 -12.59
N ALA A 487 12.14 -3.51 -11.73
CA ALA A 487 13.37 -2.87 -11.26
C ALA A 487 14.34 -3.93 -10.63
N PHE A 488 13.77 -4.81 -9.76
CA PHE A 488 14.49 -5.89 -9.09
C PHE A 488 15.07 -6.87 -10.10
N GLN A 489 14.24 -7.47 -11.00
CA GLN A 489 14.78 -8.44 -11.98
C GLN A 489 15.87 -7.80 -12.85
N GLU A 490 15.76 -6.50 -13.16
CA GLU A 490 16.73 -5.75 -13.94
C GLU A 490 18.07 -5.66 -13.15
N LEU A 491 18.00 -5.21 -11.90
CA LEU A 491 19.18 -5.07 -11.04
C LEU A 491 19.82 -6.40 -10.64
N LEU A 492 19.01 -7.47 -10.55
CA LEU A 492 19.47 -8.82 -10.18
C LEU A 492 19.84 -9.65 -11.40
N CYS A 493 19.66 -9.05 -12.61
CA CYS A 493 19.98 -9.64 -13.92
CA CYS A 493 19.96 -9.63 -13.93
C CYS A 493 19.32 -11.03 -14.08
N LEU A 494 18.08 -11.18 -13.58
CA LEU A 494 17.30 -12.41 -13.67
C LEU A 494 16.76 -12.61 -15.10
#